data_4JIE
#
_entry.id   4JIE
#
_cell.length_a   68.010
_cell.length_b   73.624
_cell.length_c   133.984
_cell.angle_alpha   90.00
_cell.angle_beta   90.00
_cell.angle_gamma   90.00
#
_symmetry.space_group_name_H-M   'P 21 21 21'
#
loop_
_entity.id
_entity.type
_entity.pdbx_description
1 polymer Beta-mannosidase/beta-glucosidase
2 non-polymer GLYCEROL
3 non-polymer '4-(2-HYDROXYETHYL)-1-PIPERAZINE ETHANESULFONIC ACID'
4 non-polymer beta-D-mannopyranose
5 water water
#
_entity_poly.entity_id   1
_entity_poly.type   'polypeptide(L)'
_entity_poly.pdbx_seq_one_letter_code
;AMADITSLYKKAESAAAPFTYWLNPEIYDAGGLSRRAFPEGFVFGTAASAYQVEGMAKQGGRGPSIWDAFIEKPGTIPNN
ATADVTVDEYHRYKEDVNIMKNMGFDAYRFSISWSRIFPNGTGMVNQEGVDYYNRLIDYMVKKGIKPYANLYHYDLPLAL
HEQYLGWLSPNIVEAFADYADFCFQTFGDRVKDWFTFNEPRCVAALGYDNGFHAPGRCSGCDAGGNSTTEPYLAAHHLIL
SHAAAVKRYREKYQLYQKGRIGILLDFVWYEPFSDSNADRAAAQRARDFHLGWFLDPIIHGRYPYSMLEIVKDRMPTFSD
EESRMVKDSIDYVGINHYTSFYMKDPGPWNLTPTSYQDDWHVGFAYERNGVPIGAQANSYWLYIVPWGINKAVTYVKETY
GNPTMILSENGMDQPGNVSITQGVHDTVRIRYYRNYITELKKAIDDGAKVIGYFAWSLLDNFEWRLGYTSRFGIVYVDYK
TLKRYPKDSAFWFKNMLSSKKRN
;
_entity_poly.pdbx_strand_id   A
#
# COMPACT_ATOMS: atom_id res chain seq x y z
N ALA A 15 -2.01 -29.38 -17.94
CA ALA A 15 -2.99 -29.72 -16.85
C ALA A 15 -2.22 -30.21 -15.62
N ALA A 16 -2.73 -29.83 -14.43
CA ALA A 16 -2.05 -30.12 -13.17
C ALA A 16 -2.52 -31.44 -12.56
N ALA A 17 -1.92 -31.83 -11.43
CA ALA A 17 -2.28 -33.07 -10.71
C ALA A 17 -3.75 -33.05 -10.27
N PRO A 18 -4.36 -34.24 -10.06
CA PRO A 18 -5.79 -34.31 -9.75
C PRO A 18 -6.21 -33.46 -8.54
N PHE A 19 -5.36 -33.39 -7.51
CA PHE A 19 -5.72 -32.69 -6.29
C PHE A 19 -6.02 -31.18 -6.49
N THR A 20 -5.48 -30.60 -7.56
CA THR A 20 -5.82 -29.23 -7.97
C THR A 20 -7.32 -28.96 -8.06
N TYR A 21 -8.09 -29.99 -8.45
CA TYR A 21 -9.52 -29.86 -8.81
C TYR A 21 -10.50 -30.33 -7.73
N TRP A 22 -9.98 -30.70 -6.56
CA TRP A 22 -10.82 -30.92 -5.38
C TRP A 22 -11.61 -29.63 -5.10
N LEU A 23 -12.90 -29.79 -4.81
CA LEU A 23 -13.77 -28.66 -4.52
C LEU A 23 -13.81 -28.45 -3.02
N ASN A 24 -13.14 -27.38 -2.59
CA ASN A 24 -13.03 -27.01 -1.20
C ASN A 24 -14.38 -26.48 -0.69
N PRO A 25 -14.99 -27.19 0.27
CA PRO A 25 -16.30 -26.72 0.74
C PRO A 25 -16.27 -25.38 1.49
N GLU A 26 -15.09 -24.93 1.92
CA GLU A 26 -14.96 -23.62 2.56
C GLU A 26 -15.34 -22.47 1.63
N ILE A 27 -15.18 -22.70 0.31
CA ILE A 27 -15.56 -21.73 -0.72
C ILE A 27 -17.00 -21.25 -0.58
N TYR A 28 -17.88 -22.14 -0.13
CA TYR A 28 -19.30 -21.83 -0.09
C TYR A 28 -19.77 -21.31 1.25
N ASP A 29 -18.88 -21.30 2.24
CA ASP A 29 -19.20 -20.68 3.51
C ASP A 29 -18.83 -19.19 3.46
N ALA A 30 -19.79 -18.34 3.15
CA ALA A 30 -19.55 -16.92 3.08
C ALA A 30 -19.67 -16.21 4.43
N GLY A 31 -19.97 -17.00 5.48
CA GLY A 31 -20.07 -16.48 6.85
C GLY A 31 -21.15 -15.44 7.07
N GLY A 32 -22.14 -15.38 6.17
CA GLY A 32 -23.25 -14.45 6.29
C GLY A 32 -23.10 -13.16 5.51
N LEU A 33 -22.02 -13.07 4.73
CA LEU A 33 -21.65 -11.88 3.98
C LEU A 33 -22.15 -11.92 2.55
N SER A 34 -22.56 -10.76 2.05
CA SER A 34 -22.92 -10.56 0.66
C SER A 34 -22.83 -9.05 0.42
N ARG A 35 -23.15 -8.62 -0.79
CA ARG A 35 -23.25 -7.19 -1.09
C ARG A 35 -24.33 -6.50 -0.27
N ARG A 36 -25.40 -7.23 0.05
CA ARG A 36 -26.51 -6.76 0.89
C ARG A 36 -26.09 -6.42 2.32
N ALA A 37 -25.01 -7.04 2.81
CA ALA A 37 -24.51 -6.72 4.14
C ALA A 37 -23.71 -5.39 4.16
N PHE A 38 -23.58 -4.75 3.00
CA PHE A 38 -22.79 -3.55 2.86
C PHE A 38 -23.59 -2.42 2.24
N PRO A 39 -23.15 -1.16 2.48
CA PRO A 39 -23.81 0.02 1.89
C PRO A 39 -24.05 -0.10 0.40
N GLU A 40 -25.09 0.58 -0.07
CA GLU A 40 -25.41 0.69 -1.48
C GLU A 40 -24.18 1.19 -2.25
N GLY A 41 -23.83 0.51 -3.33
CA GLY A 41 -22.71 0.93 -4.17
C GLY A 41 -21.33 0.78 -3.54
N PHE A 42 -21.20 -0.14 -2.58
CA PHE A 42 -19.94 -0.39 -1.93
C PHE A 42 -19.03 -1.09 -2.92
N VAL A 43 -17.80 -0.59 -3.06
CA VAL A 43 -16.87 -1.10 -4.06
C VAL A 43 -15.99 -2.25 -3.53
N PHE A 44 -15.97 -3.37 -4.24
CA PHE A 44 -15.06 -4.48 -3.91
C PHE A 44 -14.04 -4.59 -5.00
N GLY A 45 -12.77 -4.57 -4.63
CA GLY A 45 -11.70 -4.58 -5.63
C GLY A 45 -10.49 -5.42 -5.27
N THR A 46 -9.53 -5.45 -6.18
CA THR A 46 -8.19 -5.98 -5.88
C THR A 46 -7.16 -4.88 -6.16
N ALA A 47 -6.00 -5.00 -5.52
CA ALA A 47 -4.92 -4.02 -5.69
C ALA A 47 -3.60 -4.63 -6.14
N ALA A 48 -2.92 -3.95 -7.06
CA ALA A 48 -1.55 -4.31 -7.44
C ALA A 48 -0.64 -3.07 -7.52
N SER A 49 0.58 -3.25 -8.01
CA SER A 49 1.47 -2.13 -8.26
C SER A 49 2.29 -2.37 -9.52
N ALA A 50 2.64 -1.28 -10.21
CA ALA A 50 3.40 -1.34 -11.45
C ALA A 50 4.59 -2.31 -11.39
N TYR A 51 5.50 -2.09 -10.46
CA TYR A 51 6.75 -2.83 -10.44
C TYR A 51 6.55 -4.30 -10.09
N GLN A 52 5.56 -4.55 -9.24
CA GLN A 52 5.30 -5.91 -8.75
C GLN A 52 4.63 -6.80 -9.80
N VAL A 53 3.93 -6.23 -10.76
CA VAL A 53 3.19 -7.05 -11.75
C VAL A 53 3.50 -6.80 -13.24
N GLU A 54 3.88 -5.59 -13.63
CA GLU A 54 4.04 -5.26 -15.07
C GLU A 54 5.11 -6.07 -15.83
N GLY A 55 6.29 -6.19 -15.24
CA GLY A 55 7.47 -6.62 -15.98
C GLY A 55 7.89 -5.50 -16.92
N MET A 56 8.63 -5.87 -17.97
CA MET A 56 9.14 -4.92 -18.95
C MET A 56 9.87 -3.77 -18.25
N ALA A 57 10.61 -4.10 -17.18
CA ALA A 57 11.30 -3.12 -16.37
C ALA A 57 12.36 -2.35 -17.16
N LYS A 58 13.07 -3.06 -18.04
CA LYS A 58 14.13 -2.46 -18.85
C LYS A 58 13.70 -2.26 -20.30
N GLN A 59 12.40 -2.29 -20.56
CA GLN A 59 11.90 -2.13 -21.92
C GLN A 59 10.67 -1.25 -22.03
N GLY A 60 10.19 -1.08 -23.27
CA GLY A 60 9.06 -0.22 -23.57
C GLY A 60 9.39 1.23 -23.30
N GLY A 61 10.69 1.52 -23.31
CA GLY A 61 11.21 2.88 -23.10
C GLY A 61 11.26 3.32 -21.65
N ARG A 62 10.90 2.43 -20.73
CA ARG A 62 10.93 2.73 -19.30
C ARG A 62 12.35 3.03 -18.82
N GLY A 63 12.52 4.18 -18.19
CA GLY A 63 13.78 4.57 -17.55
C GLY A 63 13.88 3.82 -16.25
N PRO A 64 15.09 3.71 -15.67
CA PRO A 64 15.23 2.92 -14.45
C PRO A 64 14.77 3.63 -13.17
N SER A 65 14.29 2.84 -12.23
CA SER A 65 13.85 3.37 -10.94
C SER A 65 14.91 3.03 -9.91
N ILE A 66 14.74 3.54 -8.69
CA ILE A 66 15.67 3.23 -7.60
C ILE A 66 15.74 1.74 -7.31
N TRP A 67 14.65 1.03 -7.55
CA TRP A 67 14.60 -0.40 -7.28
C TRP A 67 15.43 -1.19 -8.27
N ASP A 68 15.55 -0.67 -9.49
CA ASP A 68 16.36 -1.32 -10.49
C ASP A 68 17.85 -1.30 -10.13
N ALA A 69 18.34 -0.20 -9.58
CA ALA A 69 19.73 -0.13 -9.11
C ALA A 69 19.92 -0.90 -7.81
N PHE A 70 18.94 -0.81 -6.92
CA PHE A 70 18.95 -1.51 -5.62
C PHE A 70 19.00 -3.03 -5.79
N ILE A 71 18.26 -3.54 -6.77
CA ILE A 71 18.20 -4.97 -7.10
C ILE A 71 19.55 -5.54 -7.54
N GLU A 72 20.40 -4.69 -8.11
CA GLU A 72 21.72 -5.09 -8.63
C GLU A 72 22.76 -5.53 -7.62
N LYS A 73 22.66 -5.06 -6.37
N LYS A 73 22.66 -5.06 -6.37
CA LYS A 73 23.51 -5.59 -5.30
CA LYS A 73 23.51 -5.59 -5.29
C LYS A 73 23.14 -7.05 -5.08
C LYS A 73 23.15 -7.05 -5.07
N PRO A 74 24.13 -7.96 -5.16
CA PRO A 74 23.86 -9.39 -4.97
C PRO A 74 23.50 -9.66 -3.51
N GLY A 75 22.60 -10.61 -3.28
CA GLY A 75 22.14 -10.92 -1.94
C GLY A 75 20.94 -10.10 -1.47
N THR A 76 20.55 -9.08 -2.25
CA THR A 76 19.43 -8.21 -1.90
C THR A 76 18.05 -8.91 -2.01
N ILE A 77 17.77 -9.48 -3.18
CA ILE A 77 16.59 -10.34 -3.34
C ILE A 77 17.01 -11.81 -3.18
N PRO A 78 16.20 -12.64 -2.50
CA PRO A 78 16.47 -14.10 -2.44
C PRO A 78 16.62 -14.73 -3.83
N ASN A 79 17.66 -15.57 -3.99
CA ASN A 79 18.03 -16.18 -5.27
C ASN A 79 18.31 -15.17 -6.38
N ASN A 80 18.65 -13.94 -5.99
CA ASN A 80 18.91 -12.84 -6.92
C ASN A 80 17.85 -12.75 -8.01
N ALA A 81 16.60 -12.82 -7.58
CA ALA A 81 15.46 -12.71 -8.47
C ALA A 81 15.23 -11.25 -8.83
N THR A 82 14.74 -10.99 -10.04
CA THR A 82 14.38 -9.62 -10.43
C THR A 82 12.89 -9.54 -10.83
N ALA A 83 12.42 -8.32 -11.07
CA ALA A 83 11.06 -8.08 -11.51
C ALA A 83 11.07 -7.58 -12.95
N ASP A 84 12.08 -8.01 -13.71
CA ASP A 84 12.16 -7.64 -15.12
C ASP A 84 10.97 -8.21 -15.88
N VAL A 85 10.53 -9.39 -15.46
CA VAL A 85 9.38 -10.04 -16.07
C VAL A 85 8.24 -10.19 -15.06
N THR A 86 8.58 -10.57 -13.83
CA THR A 86 7.58 -10.90 -12.82
C THR A 86 6.41 -11.70 -13.45
N VAL A 87 5.17 -11.28 -13.25
CA VAL A 87 4.01 -11.98 -13.81
C VAL A 87 3.56 -11.43 -15.15
N ASP A 88 4.33 -10.49 -15.70
CA ASP A 88 4.17 -10.01 -17.09
C ASP A 88 2.78 -9.46 -17.39
N GLU A 89 2.29 -8.56 -16.54
CA GLU A 89 0.99 -7.96 -16.79
C GLU A 89 1.03 -7.02 -17.97
N TYR A 90 2.21 -6.51 -18.33
CA TYR A 90 2.37 -5.68 -19.52
C TYR A 90 1.71 -6.34 -20.74
N HIS A 91 1.95 -7.63 -20.93
CA HIS A 91 1.41 -8.39 -22.08
C HIS A 91 0.13 -9.17 -21.76
N ARG A 92 -0.05 -9.54 -20.50
CA ARG A 92 -1.18 -10.38 -20.08
C ARG A 92 -2.32 -9.65 -19.38
N TYR A 93 -2.36 -8.33 -19.51
CA TYR A 93 -3.36 -7.51 -18.81
C TYR A 93 -4.82 -7.88 -19.13
N LYS A 94 -5.10 -8.31 -20.37
CA LYS A 94 -6.47 -8.72 -20.76
C LYS A 94 -6.93 -9.93 -19.98
N GLU A 95 -6.08 -10.93 -19.87
CA GLU A 95 -6.37 -12.12 -19.08
C GLU A 95 -6.66 -11.77 -17.60
N ASP A 96 -5.84 -10.90 -17.03
CA ASP A 96 -5.97 -10.52 -15.63
C ASP A 96 -7.27 -9.76 -15.37
N VAL A 97 -7.60 -8.80 -16.23
CA VAL A 97 -8.88 -8.09 -16.15
C VAL A 97 -10.06 -9.07 -16.26
N ASN A 98 -10.01 -10.00 -17.23
CA ASN A 98 -11.05 -11.04 -17.38
C ASN A 98 -11.28 -11.88 -16.15
N ILE A 99 -10.20 -12.26 -15.46
CA ILE A 99 -10.29 -12.99 -14.19
C ILE A 99 -11.01 -12.15 -13.13
N MET A 100 -10.55 -10.90 -12.97
CA MET A 100 -11.19 -9.92 -12.09
C MET A 100 -12.71 -9.82 -12.31
N LYS A 101 -13.09 -9.66 -13.58
CA LYS A 101 -14.50 -9.57 -13.94
C LYS A 101 -15.23 -10.86 -13.62
N ASN A 102 -14.65 -11.99 -14.03
N ASN A 102 -14.64 -11.99 -14.03
CA ASN A 102 -15.25 -13.30 -13.77
CA ASN A 102 -15.19 -13.31 -13.77
C ASN A 102 -15.41 -13.64 -12.30
C ASN A 102 -15.45 -13.57 -12.30
N MET A 103 -14.55 -13.09 -11.44
CA MET A 103 -14.67 -13.27 -10.00
C MET A 103 -15.63 -12.28 -9.32
N GLY A 104 -16.20 -11.35 -10.10
CA GLY A 104 -17.24 -10.45 -9.57
C GLY A 104 -16.79 -9.09 -9.05
N PHE A 105 -15.49 -8.82 -9.10
CA PHE A 105 -14.94 -7.53 -8.63
C PHE A 105 -15.41 -6.33 -9.45
N ASP A 106 -15.52 -5.19 -8.76
CA ASP A 106 -16.04 -3.96 -9.34
C ASP A 106 -14.91 -3.06 -9.83
N ALA A 107 -13.73 -3.21 -9.23
CA ALA A 107 -12.64 -2.25 -9.37
C ALA A 107 -11.25 -2.86 -9.26
N TYR A 108 -10.29 -2.14 -9.84
CA TYR A 108 -8.90 -2.52 -9.78
C TYR A 108 -8.01 -1.31 -9.45
N ARG A 109 -7.36 -1.35 -8.29
CA ARG A 109 -6.38 -0.33 -7.97
C ARG A 109 -5.01 -0.78 -8.46
N PHE A 110 -4.49 -0.03 -9.42
CA PHE A 110 -3.18 -0.27 -10.00
C PHE A 110 -2.34 0.98 -9.84
N SER A 111 -1.06 0.89 -10.13
CA SER A 111 -0.25 2.08 -10.07
C SER A 111 0.43 2.36 -11.41
N ILE A 112 0.65 3.64 -11.67
CA ILE A 112 1.38 4.09 -12.84
C ILE A 112 2.88 4.23 -12.49
N SER A 113 3.74 3.69 -13.34
CA SER A 113 5.18 3.79 -13.12
C SER A 113 5.66 5.16 -13.58
N TRP A 114 6.07 6.00 -12.63
CA TRP A 114 6.60 7.32 -12.92
C TRP A 114 7.68 7.23 -14.02
N SER A 115 8.65 6.35 -13.84
CA SER A 115 9.75 6.27 -14.81
C SER A 115 9.36 5.61 -16.14
N ARG A 116 8.18 5.00 -16.22
CA ARG A 116 7.66 4.49 -17.50
C ARG A 116 7.10 5.63 -18.36
N ILE A 117 6.60 6.67 -17.70
CA ILE A 117 6.06 7.86 -18.37
C ILE A 117 7.16 8.92 -18.59
N PHE A 118 7.94 9.21 -17.55
CA PHE A 118 9.08 10.12 -17.62
C PHE A 118 10.36 9.37 -17.25
N PRO A 119 11.04 8.77 -18.24
CA PRO A 119 12.27 8.00 -18.00
C PRO A 119 13.30 8.70 -17.10
N ASN A 120 13.38 10.03 -17.20
CA ASN A 120 14.28 10.83 -16.40
C ASN A 120 13.59 11.54 -15.23
N GLY A 121 12.33 11.17 -14.96
CA GLY A 121 11.55 11.79 -13.89
C GLY A 121 10.88 13.11 -14.27
N THR A 122 11.59 13.92 -15.08
CA THR A 122 11.08 15.16 -15.63
C THR A 122 11.47 15.26 -17.11
N GLY A 123 10.74 16.06 -17.88
CA GLY A 123 11.12 16.36 -19.25
C GLY A 123 10.40 15.53 -20.29
N MET A 124 11.16 14.76 -21.06
N MET A 124 11.17 14.71 -21.00
CA MET A 124 10.59 14.04 -22.19
CA MET A 124 10.72 13.85 -22.10
C MET A 124 9.66 12.91 -21.74
C MET A 124 9.62 12.88 -21.67
N VAL A 125 8.57 12.77 -22.47
CA VAL A 125 7.52 11.79 -22.23
C VAL A 125 7.86 10.55 -23.06
N ASN A 126 7.68 9.37 -22.45
CA ASN A 126 7.80 8.09 -23.16
C ASN A 126 6.41 7.69 -23.67
N GLN A 127 6.12 8.08 -24.91
CA GLN A 127 4.83 7.81 -25.56
C GLN A 127 4.41 6.34 -25.50
N GLU A 128 5.39 5.43 -25.51
CA GLU A 128 5.12 4.01 -25.47
C GLU A 128 4.56 3.56 -24.12
N GLY A 129 5.03 4.20 -23.04
CA GLY A 129 4.47 3.99 -21.71
C GLY A 129 3.07 4.54 -21.60
N VAL A 130 2.83 5.71 -22.18
CA VAL A 130 1.51 6.33 -22.14
C VAL A 130 0.50 5.41 -22.81
N ASP A 131 0.89 4.91 -23.98
CA ASP A 131 0.08 3.95 -24.74
C ASP A 131 -0.30 2.71 -23.94
N TYR A 132 0.65 2.13 -23.19
CA TYR A 132 0.32 0.97 -22.35
C TYR A 132 -0.80 1.26 -21.35
N TYR A 133 -0.65 2.29 -20.53
CA TYR A 133 -1.69 2.66 -19.54
C TYR A 133 -3.02 3.00 -20.18
N ASN A 134 -2.98 3.60 -21.36
CA ASN A 134 -4.20 3.81 -22.14
C ASN A 134 -4.83 2.49 -22.58
N ARG A 135 -4.05 1.55 -23.07
CA ARG A 135 -4.57 0.20 -23.41
C ARG A 135 -5.22 -0.44 -22.17
N LEU A 136 -4.49 -0.43 -21.06
CA LEU A 136 -4.92 -1.02 -19.82
C LEU A 136 -6.23 -0.42 -19.33
N ILE A 137 -6.27 0.91 -19.23
CA ILE A 137 -7.46 1.62 -18.74
C ILE A 137 -8.64 1.42 -19.70
N ASP A 138 -8.40 1.60 -21.00
CA ASP A 138 -9.44 1.36 -22.00
C ASP A 138 -10.07 -0.03 -21.89
N TYR A 139 -9.23 -1.03 -21.61
CA TYR A 139 -9.71 -2.40 -21.50
C TYR A 139 -10.55 -2.64 -20.23
N MET A 140 -10.13 -2.06 -19.11
CA MET A 140 -10.90 -2.15 -17.87
C MET A 140 -12.28 -1.52 -18.01
N VAL A 141 -12.32 -0.35 -18.66
CA VAL A 141 -13.56 0.36 -18.92
C VAL A 141 -14.46 -0.45 -19.85
N LYS A 142 -13.86 -1.05 -20.87
CA LYS A 142 -14.57 -1.95 -21.78
C LYS A 142 -15.26 -3.07 -20.99
N LYS A 143 -14.61 -3.58 -19.95
CA LYS A 143 -15.12 -4.71 -19.18
C LYS A 143 -15.89 -4.33 -17.91
N GLY A 144 -16.04 -3.03 -17.64
CA GLY A 144 -16.79 -2.59 -16.46
C GLY A 144 -16.06 -2.69 -15.14
N ILE A 145 -14.72 -2.71 -15.18
CA ILE A 145 -13.88 -2.60 -13.98
C ILE A 145 -13.49 -1.13 -13.80
N LYS A 146 -13.84 -0.55 -12.65
CA LYS A 146 -13.47 0.85 -12.35
C LYS A 146 -11.95 0.98 -12.10
N PRO A 147 -11.29 1.89 -12.81
CA PRO A 147 -9.86 2.11 -12.54
C PRO A 147 -9.58 3.03 -11.34
N TYR A 148 -8.80 2.55 -10.39
CA TYR A 148 -8.27 3.38 -9.30
C TYR A 148 -6.77 3.47 -9.51
N ALA A 149 -6.30 4.66 -9.89
CA ALA A 149 -4.91 4.86 -10.21
C ALA A 149 -4.14 5.45 -9.04
N ASN A 150 -3.14 4.68 -8.60
CA ASN A 150 -2.15 5.16 -7.65
C ASN A 150 -0.98 5.72 -8.46
N LEU A 151 -0.46 6.87 -8.05
CA LEU A 151 0.59 7.54 -8.81
C LEU A 151 2.00 7.10 -8.44
N TYR A 152 2.20 6.68 -7.21
CA TYR A 152 3.55 6.27 -6.76
C TYR A 152 3.49 5.04 -5.86
N HIS A 153 4.23 3.99 -6.26
CA HIS A 153 4.35 2.77 -5.46
C HIS A 153 5.79 2.29 -5.36
N TYR A 154 6.55 2.99 -4.51
CA TYR A 154 7.99 2.75 -4.24
C TYR A 154 8.94 2.94 -5.43
N ASP A 155 8.48 3.48 -6.54
CA ASP A 155 9.31 3.45 -7.76
C ASP A 155 9.80 4.81 -8.28
N LEU A 156 10.55 5.53 -7.46
CA LEU A 156 11.18 6.80 -7.85
C LEU A 156 12.13 6.60 -9.03
N PRO A 157 11.97 7.42 -10.10
CA PRO A 157 12.96 7.43 -11.19
C PRO A 157 14.39 7.63 -10.67
N LEU A 158 15.31 6.82 -11.17
CA LEU A 158 16.69 6.84 -10.69
C LEU A 158 17.37 8.20 -10.91
N ALA A 159 17.10 8.81 -12.06
CA ALA A 159 17.67 10.12 -12.42
C ALA A 159 17.52 11.12 -11.29
N LEU A 160 16.33 11.18 -10.70
CA LEU A 160 16.03 12.12 -9.60
C LEU A 160 16.79 11.83 -8.33
N HIS A 161 17.06 10.55 -8.09
CA HIS A 161 17.86 10.15 -6.94
C HIS A 161 19.33 10.54 -7.14
N GLU A 162 19.82 10.39 -8.37
CA GLU A 162 21.17 10.79 -8.73
C GLU A 162 21.36 12.30 -8.69
N GLN A 163 20.36 13.06 -9.10
CA GLN A 163 20.47 14.52 -9.20
C GLN A 163 20.48 15.23 -7.86
N TYR A 164 19.58 14.83 -6.95
CA TYR A 164 19.45 15.53 -5.68
C TYR A 164 18.98 14.66 -4.53
N LEU A 165 19.21 13.36 -4.65
CA LEU A 165 18.79 12.39 -3.62
C LEU A 165 17.25 12.33 -3.40
N GLY A 166 16.50 12.47 -4.51
CA GLY A 166 15.06 12.20 -4.53
C GLY A 166 14.24 12.85 -3.43
N TRP A 167 13.67 12.04 -2.54
CA TRP A 167 12.75 12.54 -1.51
C TRP A 167 13.41 13.43 -0.47
N LEU A 168 14.74 13.45 -0.44
CA LEU A 168 15.45 14.25 0.53
C LEU A 168 15.64 15.71 0.12
N SER A 169 15.18 16.07 -1.07
CA SER A 169 15.30 17.44 -1.57
C SER A 169 13.95 18.07 -1.85
N PRO A 170 13.80 19.37 -1.52
CA PRO A 170 12.55 20.08 -1.85
C PRO A 170 12.25 20.17 -3.36
N ASN A 171 13.25 19.85 -4.21
CA ASN A 171 13.04 19.84 -5.67
C ASN A 171 12.05 18.79 -6.14
N ILE A 172 11.96 17.70 -5.39
CA ILE A 172 11.07 16.60 -5.73
C ILE A 172 9.59 17.02 -5.80
N VAL A 173 9.22 18.05 -5.03
CA VAL A 173 7.83 18.47 -4.91
C VAL A 173 7.23 18.93 -6.24
N GLU A 174 7.95 19.77 -6.98
CA GLU A 174 7.43 20.24 -8.28
C GLU A 174 7.58 19.18 -9.38
N ALA A 175 8.60 18.33 -9.25
CA ALA A 175 8.84 17.22 -10.15
C ALA A 175 7.66 16.25 -10.11
N PHE A 176 7.23 15.92 -8.89
CA PHE A 176 6.09 15.03 -8.69
C PHE A 176 4.77 15.65 -9.14
N ALA A 177 4.53 16.89 -8.74
CA ALA A 177 3.30 17.62 -9.07
C ALA A 177 3.07 17.71 -10.57
N ASP A 178 4.15 17.95 -11.32
CA ASP A 178 4.10 17.98 -12.78
C ASP A 178 3.79 16.63 -13.38
N TYR A 179 4.32 15.58 -12.75
CA TYR A 179 4.04 14.22 -13.19
C TYR A 179 2.58 13.84 -12.91
N ALA A 180 2.11 14.15 -11.70
CA ALA A 180 0.69 14.01 -11.35
C ALA A 180 -0.21 14.76 -12.34
N ASP A 181 0.10 16.04 -12.54
CA ASP A 181 -0.57 16.92 -13.49
C ASP A 181 -0.72 16.27 -14.88
N PHE A 182 0.40 15.78 -15.42
CA PHE A 182 0.37 15.09 -16.71
C PHE A 182 -0.60 13.91 -16.70
N CYS A 183 -0.53 13.09 -15.65
CA CYS A 183 -1.43 11.93 -15.49
C CYS A 183 -2.90 12.30 -15.44
N PHE A 184 -3.24 13.35 -14.67
CA PHE A 184 -4.62 13.84 -14.66
C PHE A 184 -5.06 14.24 -16.06
N GLN A 185 -4.20 14.98 -16.77
CA GLN A 185 -4.54 15.51 -18.08
C GLN A 185 -4.81 14.37 -19.06
N THR A 186 -3.95 13.36 -19.01
CA THR A 186 -3.91 12.26 -19.97
C THR A 186 -4.90 11.14 -19.70
N PHE A 187 -5.21 10.87 -18.44
CA PHE A 187 -5.96 9.65 -18.08
C PHE A 187 -7.25 9.95 -17.35
N GLY A 188 -7.42 11.20 -16.94
CA GLY A 188 -8.51 11.60 -16.05
C GLY A 188 -9.89 11.66 -16.66
N ASP A 189 -9.97 11.54 -17.99
CA ASP A 189 -11.26 11.47 -18.67
C ASP A 189 -11.95 10.13 -18.37
N ARG A 190 -11.18 9.10 -18.06
CA ARG A 190 -11.79 7.86 -17.59
C ARG A 190 -11.37 7.35 -16.20
N VAL A 191 -10.21 7.77 -15.68
CA VAL A 191 -9.90 7.50 -14.27
C VAL A 191 -10.54 8.57 -13.39
N LYS A 192 -11.50 8.18 -12.58
CA LYS A 192 -12.17 9.11 -11.68
C LYS A 192 -11.77 8.92 -10.21
N ASP A 193 -10.73 8.12 -9.96
CA ASP A 193 -10.31 7.80 -8.60
C ASP A 193 -8.79 7.72 -8.49
N TRP A 194 -8.21 8.67 -7.77
CA TRP A 194 -6.77 8.84 -7.73
C TRP A 194 -6.18 8.70 -6.34
N PHE A 195 -5.01 8.10 -6.26
CA PHE A 195 -4.21 8.16 -5.05
C PHE A 195 -2.87 8.72 -5.41
N THR A 196 -2.34 9.58 -4.57
CA THR A 196 -1.03 10.17 -4.82
C THR A 196 0.07 9.15 -4.51
N PHE A 197 0.00 8.56 -3.31
CA PHE A 197 1.04 7.66 -2.82
C PHE A 197 0.48 6.40 -2.20
N ASN A 198 1.19 5.31 -2.37
CA ASN A 198 1.03 4.15 -1.53
C ASN A 198 2.05 4.15 -0.39
N GLU A 199 1.53 4.20 0.83
CA GLU A 199 2.30 3.98 2.07
C GLU A 199 3.53 4.88 2.21
N PRO A 200 3.31 6.20 2.27
CA PRO A 200 4.45 7.09 2.32
C PRO A 200 5.29 6.84 3.57
N ARG A 201 4.66 6.33 4.64
CA ARG A 201 5.38 5.94 5.83
C ARG A 201 6.49 4.93 5.54
N CYS A 202 6.17 3.97 4.66
CA CYS A 202 7.15 2.97 4.25
C CYS A 202 8.21 3.53 3.33
N VAL A 203 7.81 4.36 2.37
CA VAL A 203 8.77 5.09 1.55
C VAL A 203 9.81 5.76 2.47
N ALA A 204 9.34 6.46 3.51
CA ALA A 204 10.22 7.16 4.45
C ALA A 204 10.97 6.20 5.40
N ALA A 205 10.25 5.35 6.11
CA ALA A 205 10.89 4.46 7.10
C ALA A 205 11.76 3.35 6.48
N LEU A 206 11.28 2.64 5.47
CA LEU A 206 12.09 1.55 4.94
C LEU A 206 13.19 2.05 4.01
N GLY A 207 12.94 3.19 3.37
CA GLY A 207 13.89 3.77 2.43
C GLY A 207 15.03 4.50 3.10
N TYR A 208 14.78 5.06 4.28
CA TYR A 208 15.68 6.04 4.87
C TYR A 208 15.96 5.85 6.35
N ASP A 209 15.21 4.95 7.00
CA ASP A 209 15.41 4.68 8.42
C ASP A 209 16.19 3.40 8.65
N ASN A 210 15.75 2.30 8.04
CA ASN A 210 16.49 1.04 8.14
C ASN A 210 17.10 0.58 6.83
N GLY A 211 16.89 1.34 5.76
CA GLY A 211 17.45 0.99 4.46
C GLY A 211 16.99 -0.34 3.88
N PHE A 212 15.90 -0.90 4.43
CA PHE A 212 15.40 -2.17 3.96
C PHE A 212 14.91 -2.10 2.52
N HIS A 213 14.28 -1.00 2.15
CA HIS A 213 13.84 -0.75 0.79
C HIS A 213 14.72 0.28 0.10
N ALA A 214 14.67 0.33 -1.22
CA ALA A 214 15.36 1.36 -2.00
C ALA A 214 15.03 2.77 -1.46
N PRO A 215 16.02 3.68 -1.43
CA PRO A 215 17.38 3.57 -1.93
C PRO A 215 18.39 2.97 -0.93
N GLY A 216 17.90 2.29 0.10
CA GLY A 216 18.75 1.55 1.02
C GLY A 216 19.58 2.43 1.92
N ARG A 217 19.04 3.59 2.28
CA ARG A 217 19.77 4.52 3.13
C ARG A 217 19.43 4.30 4.58
N CYS A 218 20.42 4.47 5.44
CA CYS A 218 20.23 4.42 6.89
C CYS A 218 21.57 4.68 7.59
N SER A 219 21.53 4.82 8.90
CA SER A 219 22.74 5.10 9.69
C SER A 219 23.93 4.15 9.41
N GLY A 220 23.74 2.84 9.56
CA GLY A 220 24.84 1.91 9.27
C GLY A 220 25.09 1.51 7.81
N CYS A 221 24.27 2.03 6.90
CA CYS A 221 24.11 1.47 5.56
C CYS A 221 25.23 1.72 4.54
N ASP A 222 25.41 0.76 3.65
CA ASP A 222 26.36 0.81 2.52
C ASP A 222 26.27 2.11 1.74
N ALA A 223 25.03 2.49 1.41
CA ALA A 223 24.74 3.67 0.60
C ALA A 223 24.88 5.01 1.33
N GLY A 224 25.16 4.95 2.64
CA GLY A 224 25.14 6.15 3.50
C GLY A 224 23.78 6.37 4.14
N GLY A 225 23.64 7.49 4.85
CA GLY A 225 22.37 7.86 5.44
C GLY A 225 22.40 8.36 6.86
N ASN A 226 21.22 8.60 7.40
CA ASN A 226 21.07 9.12 8.75
C ASN A 226 19.66 8.88 9.23
N SER A 227 19.52 7.85 10.05
CA SER A 227 18.21 7.38 10.52
C SER A 227 17.52 8.38 11.46
N THR A 228 18.30 9.32 12.01
CA THR A 228 17.76 10.31 12.92
C THR A 228 17.10 11.47 12.20
N THR A 229 17.46 11.71 10.93
CA THR A 229 16.96 12.89 10.22
C THR A 229 16.29 12.61 8.87
N GLU A 230 16.86 11.71 8.08
CA GLU A 230 16.41 11.48 6.71
C GLU A 230 14.97 10.94 6.58
N PRO A 231 14.53 10.03 7.47
CA PRO A 231 13.13 9.63 7.34
C PRO A 231 12.13 10.81 7.52
N TYR A 232 12.47 11.74 8.41
CA TYR A 232 11.58 12.88 8.68
C TYR A 232 11.60 13.86 7.54
N LEU A 233 12.76 13.99 6.90
CA LEU A 233 12.93 14.85 5.75
C LEU A 233 12.14 14.29 4.56
N ALA A 234 12.26 12.98 4.35
CA ALA A 234 11.55 12.27 3.29
C ALA A 234 10.04 12.38 3.44
N ALA A 235 9.53 12.04 4.62
CA ALA A 235 8.10 12.16 4.90
C ALA A 235 7.58 13.57 4.63
N HIS A 236 8.34 14.57 5.07
CA HIS A 236 7.95 15.97 4.90
C HIS A 236 7.74 16.32 3.43
N HIS A 237 8.66 15.90 2.57
CA HIS A 237 8.52 16.16 1.15
C HIS A 237 7.46 15.30 0.48
N LEU A 238 7.14 14.14 1.07
CA LEU A 238 6.08 13.32 0.53
C LEU A 238 4.74 14.01 0.78
N ILE A 239 4.58 14.57 1.98
CA ILE A 239 3.39 15.33 2.34
C ILE A 239 3.24 16.55 1.45
N LEU A 240 4.32 17.31 1.28
CA LEU A 240 4.27 18.47 0.40
C LEU A 240 3.98 18.06 -1.04
N SER A 241 4.57 16.97 -1.51
CA SER A 241 4.32 16.50 -2.88
C SER A 241 2.87 16.05 -3.08
N HIS A 242 2.32 15.34 -2.10
CA HIS A 242 0.91 14.99 -2.13
C HIS A 242 0.03 16.25 -2.22
N ALA A 243 0.27 17.20 -1.31
CA ALA A 243 -0.51 18.43 -1.27
C ALA A 243 -0.42 19.19 -2.60
N ALA A 244 0.78 19.25 -3.17
CA ALA A 244 1.01 20.00 -4.41
C ALA A 244 0.31 19.35 -5.59
N ALA A 245 0.31 18.02 -5.61
CA ALA A 245 -0.41 17.24 -6.62
C ALA A 245 -1.92 17.47 -6.52
N VAL A 246 -2.46 17.44 -5.31
CA VAL A 246 -3.91 17.59 -5.10
C VAL A 246 -4.39 18.98 -5.51
N LYS A 247 -3.59 19.99 -5.20
CA LYS A 247 -3.84 21.36 -5.66
C LYS A 247 -3.97 21.45 -7.18
N ARG A 248 -3.07 20.81 -7.93
CA ARG A 248 -3.23 20.71 -9.40
C ARG A 248 -4.56 20.06 -9.77
N TYR A 249 -4.87 18.93 -9.14
CA TYR A 249 -6.08 18.23 -9.46
C TYR A 249 -7.28 19.13 -9.24
N ARG A 250 -7.37 19.73 -8.04
CA ARG A 250 -8.51 20.55 -7.65
C ARG A 250 -8.70 21.80 -8.54
N GLU A 251 -7.61 22.53 -8.79
CA GLU A 251 -7.66 23.76 -9.55
C GLU A 251 -7.84 23.57 -11.05
N LYS A 252 -7.40 22.44 -11.60
CA LYS A 252 -7.32 22.29 -13.06
C LYS A 252 -8.20 21.18 -13.65
N TYR A 253 -8.60 20.19 -12.85
CA TYR A 253 -9.22 18.99 -13.40
C TYR A 253 -10.50 18.58 -12.68
N GLN A 254 -10.52 18.71 -11.36
CA GLN A 254 -11.56 18.06 -10.57
C GLN A 254 -12.99 18.48 -10.94
N LEU A 255 -13.23 19.77 -11.15
CA LEU A 255 -14.59 20.24 -11.50
C LEU A 255 -15.08 19.76 -12.86
N TYR A 256 -14.14 19.42 -13.73
CA TYR A 256 -14.43 19.01 -15.11
C TYR A 256 -14.47 17.48 -15.23
N GLN A 257 -13.47 16.80 -14.66
CA GLN A 257 -13.40 15.34 -14.71
C GLN A 257 -14.33 14.67 -13.70
N LYS A 258 -14.65 15.38 -12.61
CA LYS A 258 -15.57 14.89 -11.56
C LYS A 258 -15.09 13.65 -10.80
N GLY A 259 -13.79 13.57 -10.59
CA GLY A 259 -13.22 12.48 -9.84
C GLY A 259 -12.91 12.84 -8.40
N ARG A 260 -12.16 11.96 -7.75
CA ARG A 260 -11.73 12.18 -6.39
C ARG A 260 -10.27 11.75 -6.22
N ILE A 261 -9.64 12.26 -5.17
CA ILE A 261 -8.22 12.02 -4.94
C ILE A 261 -7.99 11.84 -3.45
N GLY A 262 -7.20 10.83 -3.10
CA GLY A 262 -6.81 10.57 -1.72
C GLY A 262 -5.38 10.10 -1.64
N ILE A 263 -5.05 9.43 -0.54
CA ILE A 263 -3.73 8.87 -0.28
C ILE A 263 -3.97 7.52 0.39
N LEU A 264 -3.00 6.60 0.30
CA LEU A 264 -3.09 5.29 0.93
C LEU A 264 -2.11 5.23 2.08
N LEU A 265 -2.61 4.96 3.28
CA LEU A 265 -1.77 4.97 4.47
C LEU A 265 -1.82 3.61 5.15
N ASP A 266 -0.65 2.98 5.32
CA ASP A 266 -0.63 1.74 6.10
C ASP A 266 -0.93 2.05 7.57
N PHE A 267 -1.65 1.14 8.21
CA PHE A 267 -2.05 1.28 9.59
C PHE A 267 -2.09 -0.10 10.27
N VAL A 268 -1.09 -0.35 11.10
CA VAL A 268 -1.07 -1.51 11.99
C VAL A 268 -1.86 -1.13 13.25
N TRP A 269 -2.77 -1.98 13.69
CA TRP A 269 -3.45 -1.66 14.96
C TRP A 269 -2.55 -1.94 16.16
N TYR A 270 -2.43 -0.95 17.05
CA TYR A 270 -1.64 -1.10 18.26
C TYR A 270 -2.56 -1.23 19.44
N GLU A 271 -2.59 -2.41 20.03
CA GLU A 271 -3.46 -2.68 21.15
C GLU A 271 -2.66 -2.49 22.43
N PRO A 272 -3.21 -1.74 23.39
CA PRO A 272 -2.48 -1.60 24.65
C PRO A 272 -2.26 -2.98 25.25
N PHE A 273 -1.07 -3.24 25.79
CA PHE A 273 -0.75 -4.55 26.36
C PHE A 273 -1.57 -4.78 27.62
N SER A 274 -1.61 -3.79 28.50
CA SER A 274 -2.46 -3.82 29.68
C SER A 274 -3.26 -2.53 29.73
N ASP A 275 -4.11 -2.43 30.75
CA ASP A 275 -5.00 -1.29 30.91
C ASP A 275 -4.38 -0.06 31.62
N SER A 276 -3.10 -0.14 31.98
CA SER A 276 -2.42 0.96 32.66
C SER A 276 -2.35 2.21 31.78
N ASN A 277 -2.13 3.36 32.41
CA ASN A 277 -1.97 4.62 31.68
C ASN A 277 -0.81 4.58 30.71
N ALA A 278 0.30 3.99 31.16
CA ALA A 278 1.53 3.96 30.38
C ALA A 278 1.39 3.12 29.10
N ASP A 279 0.74 1.96 29.19
CA ASP A 279 0.51 1.08 28.03
C ASP A 279 -0.47 1.69 27.03
N ARG A 280 -1.55 2.26 27.56
N ARG A 280 -1.54 2.27 27.56
CA ARG A 280 -2.53 2.99 26.76
CA ARG A 280 -2.52 2.99 26.74
C ARG A 280 -1.89 4.19 26.04
C ARG A 280 -1.88 4.20 26.03
N ALA A 281 -1.01 4.90 26.73
CA ALA A 281 -0.28 6.04 26.15
C ALA A 281 0.73 5.59 25.08
N ALA A 282 1.41 4.47 25.35
CA ALA A 282 2.35 3.87 24.40
C ALA A 282 1.65 3.48 23.11
N ALA A 283 0.49 2.84 23.22
CA ALA A 283 -0.29 2.48 22.03
C ALA A 283 -0.68 3.72 21.21
N GLN A 284 -1.10 4.78 21.89
CA GLN A 284 -1.39 6.06 21.21
C GLN A 284 -0.14 6.68 20.56
N ARG A 285 1.00 6.55 21.21
CA ARG A 285 2.25 7.11 20.70
C ARG A 285 2.64 6.42 19.39
N ALA A 286 2.46 5.10 19.35
CA ALA A 286 2.77 4.33 18.16
C ALA A 286 1.84 4.71 16.98
N ARG A 287 0.55 4.90 17.26
CA ARG A 287 -0.42 5.41 16.28
C ARG A 287 -0.03 6.78 15.73
N ASP A 288 0.44 7.66 16.63
CA ASP A 288 0.95 8.99 16.25
C ASP A 288 2.07 8.89 15.24
N PHE A 289 3.06 8.05 15.53
CA PHE A 289 4.26 7.91 14.69
C PHE A 289 3.99 7.11 13.41
N HIS A 290 3.04 6.18 13.48
CA HIS A 290 2.71 5.30 12.36
C HIS A 290 1.74 5.98 11.38
N LEU A 291 0.64 6.51 11.89
CA LEU A 291 -0.43 7.02 11.04
C LEU A 291 -0.57 8.53 11.15
N GLY A 292 -0.55 9.02 12.39
CA GLY A 292 -0.69 10.45 12.69
C GLY A 292 0.32 11.27 11.93
N TRP A 293 1.53 10.72 11.82
CA TRP A 293 2.63 11.33 11.07
C TRP A 293 2.16 11.94 9.75
N PHE A 294 1.22 11.28 9.07
CA PHE A 294 0.73 11.74 7.78
C PHE A 294 -0.69 12.23 7.83
N LEU A 295 -1.51 11.61 8.68
CA LEU A 295 -2.93 11.93 8.70
C LEU A 295 -3.23 13.20 9.51
N ASP A 296 -2.44 13.49 10.56
CA ASP A 296 -2.63 14.76 11.30
C ASP A 296 -2.42 16.00 10.44
N PRO A 297 -1.30 16.08 9.70
CA PRO A 297 -1.14 17.17 8.73
C PRO A 297 -2.30 17.27 7.72
N ILE A 298 -2.68 16.15 7.13
CA ILE A 298 -3.77 16.13 6.15
C ILE A 298 -5.14 16.52 6.74
N ILE A 299 -5.41 16.14 7.98
CA ILE A 299 -6.68 16.51 8.61
C ILE A 299 -6.64 17.82 9.43
N HIS A 300 -5.57 18.05 10.18
CA HIS A 300 -5.49 19.24 11.05
C HIS A 300 -4.46 20.29 10.62
N GLY A 301 -3.69 20.01 9.58
CA GLY A 301 -2.65 20.95 9.14
C GLY A 301 -1.45 21.04 10.07
N ARG A 302 -1.16 19.97 10.81
CA ARG A 302 -0.06 19.98 11.79
C ARG A 302 0.39 18.56 12.13
N TYR A 303 1.64 18.39 12.54
CA TYR A 303 2.15 17.10 13.00
C TYR A 303 1.60 16.71 14.38
N PRO A 304 1.60 15.39 14.69
CA PRO A 304 1.24 14.94 16.04
C PRO A 304 2.08 15.61 17.12
N TYR A 305 1.44 15.95 18.24
CA TYR A 305 2.12 16.63 19.33
C TYR A 305 3.31 15.83 19.85
N SER A 306 3.09 14.54 20.10
CA SER A 306 4.12 13.63 20.60
C SER A 306 5.37 13.67 19.72
N MET A 307 5.17 13.64 18.40
CA MET A 307 6.29 13.62 17.48
C MET A 307 7.09 14.92 17.60
N LEU A 308 6.40 16.05 17.58
CA LEU A 308 7.05 17.34 17.80
C LEU A 308 7.80 17.43 19.13
N GLU A 309 7.24 16.90 20.20
CA GLU A 309 7.93 17.00 21.50
C GLU A 309 9.14 16.06 21.60
N ILE A 310 9.04 14.88 20.99
CA ILE A 310 10.13 13.90 21.01
C ILE A 310 11.20 14.21 19.97
N VAL A 311 10.80 14.51 18.74
CA VAL A 311 11.74 14.63 17.62
C VAL A 311 12.34 16.04 17.55
N LYS A 312 11.66 17.00 18.18
CA LYS A 312 12.05 18.41 18.21
C LYS A 312 12.46 18.91 16.83
N ASP A 313 13.68 19.45 16.72
CA ASP A 313 14.16 20.12 15.48
C ASP A 313 14.71 19.17 14.40
N ARG A 314 14.71 17.87 14.68
CA ARG A 314 15.00 16.89 13.64
C ARG A 314 13.81 16.74 12.67
N MET A 315 12.69 17.36 13.04
CA MET A 315 11.50 17.40 12.23
C MET A 315 11.31 18.76 11.57
N PRO A 316 11.04 18.76 10.26
CA PRO A 316 10.73 20.02 9.59
C PRO A 316 9.37 20.55 10.04
N THR A 317 9.14 21.84 9.76
CA THR A 317 7.89 22.48 10.10
C THR A 317 7.29 23.02 8.81
N PHE A 318 5.96 23.09 8.78
CA PHE A 318 5.25 23.70 7.67
C PHE A 318 5.14 25.20 7.87
N SER A 319 5.37 25.96 6.80
CA SER A 319 4.99 27.36 6.76
C SER A 319 3.47 27.46 6.72
N ASP A 320 2.93 28.62 7.08
CA ASP A 320 1.47 28.82 7.09
C ASP A 320 0.80 28.48 5.75
N GLU A 321 1.45 28.89 4.66
CA GLU A 321 1.01 28.59 3.31
C GLU A 321 0.96 27.05 3.07
N GLU A 322 2.02 26.37 3.47
CA GLU A 322 2.12 24.91 3.38
C GLU A 322 1.04 24.19 4.19
N SER A 323 0.84 24.65 5.41
CA SER A 323 -0.18 24.11 6.27
C SER A 323 -1.58 24.19 5.65
N ARG A 324 -1.88 25.30 4.98
CA ARG A 324 -3.18 25.49 4.30
C ARG A 324 -3.35 24.62 3.06
N MET A 325 -2.25 24.43 2.32
CA MET A 325 -2.23 23.57 1.13
C MET A 325 -2.44 22.09 1.53
N VAL A 326 -1.87 21.70 2.68
CA VAL A 326 -1.87 20.32 3.13
C VAL A 326 -3.19 19.95 3.82
N LYS A 327 -3.72 20.84 4.64
CA LYS A 327 -4.95 20.56 5.36
C LYS A 327 -6.13 20.41 4.38
N ASP A 328 -6.89 19.31 4.53
CA ASP A 328 -8.06 18.99 3.69
C ASP A 328 -7.69 18.58 2.26
N SER A 329 -6.44 18.16 2.08
CA SER A 329 -5.96 17.82 0.75
C SER A 329 -6.29 16.38 0.30
N ILE A 330 -7.38 15.81 0.84
CA ILE A 330 -7.93 14.53 0.36
C ILE A 330 -9.46 14.61 0.24
N ASP A 331 -10.04 13.75 -0.61
CA ASP A 331 -11.50 13.56 -0.64
C ASP A 331 -11.85 12.30 0.15
N TYR A 332 -10.87 11.40 0.24
CA TYR A 332 -10.97 10.16 1.03
C TYR A 332 -9.58 9.65 1.39
N VAL A 333 -9.51 8.79 2.40
CA VAL A 333 -8.27 8.18 2.80
C VAL A 333 -8.36 6.66 2.63
N GLY A 334 -7.36 6.10 1.97
CA GLY A 334 -7.22 4.67 1.88
C GLY A 334 -6.44 4.18 3.08
N ILE A 335 -6.98 3.21 3.79
CA ILE A 335 -6.30 2.59 4.91
C ILE A 335 -5.87 1.17 4.48
N ASN A 336 -4.56 0.92 4.44
CA ASN A 336 -4.02 -0.43 4.19
C ASN A 336 -3.85 -1.13 5.51
N HIS A 337 -4.58 -2.22 5.73
CA HIS A 337 -4.54 -2.89 7.01
C HIS A 337 -4.39 -4.41 6.89
N TYR A 338 -3.39 -4.94 7.62
CA TYR A 338 -3.08 -6.35 7.63
C TYR A 338 -3.10 -6.96 9.03
N THR A 339 -2.57 -6.24 10.00
CA THR A 339 -2.16 -6.86 11.25
C THR A 339 -2.21 -5.95 12.49
N SER A 340 -1.98 -6.54 13.66
CA SER A 340 -2.01 -5.83 14.93
C SER A 340 -0.98 -6.38 15.91
N PHE A 341 -0.45 -5.50 16.75
CA PHE A 341 0.46 -5.91 17.83
C PHE A 341 0.01 -5.37 19.19
N TYR A 342 0.57 -5.93 20.26
CA TYR A 342 0.39 -5.35 21.59
C TYR A 342 1.48 -4.33 21.85
N MET A 343 1.15 -3.25 22.55
CA MET A 343 2.12 -2.20 22.82
C MET A 343 2.31 -1.97 24.32
N LYS A 344 3.58 -1.95 24.73
CA LYS A 344 4.01 -1.76 26.12
C LYS A 344 4.74 -0.43 26.25
N ASP A 345 4.67 0.16 27.44
CA ASP A 345 5.61 1.21 27.83
C ASP A 345 6.96 0.50 28.08
N PRO A 346 8.05 1.02 27.48
CA PRO A 346 9.32 0.29 27.58
C PRO A 346 10.22 0.73 28.75
N GLY A 347 9.69 1.49 29.71
CA GLY A 347 10.51 2.04 30.80
C GLY A 347 11.07 3.43 30.46
N PRO A 348 12.13 3.87 31.18
CA PRO A 348 12.67 5.22 30.94
C PRO A 348 13.32 5.33 29.57
N TRP A 349 13.11 6.45 28.88
CA TRP A 349 13.59 6.60 27.50
C TRP A 349 14.98 7.21 27.40
N ASN A 350 15.81 6.67 26.49
CA ASN A 350 16.97 7.39 25.96
C ASN A 350 16.42 8.05 24.69
N LEU A 351 16.34 9.37 24.55
CA LEU A 351 17.13 10.46 25.13
C LEU A 351 18.09 10.97 24.04
N THR A 352 19.03 10.13 23.58
CA THR A 352 19.88 10.52 22.44
C THR A 352 19.36 9.87 21.14
N PRO A 353 19.18 10.69 20.08
CA PRO A 353 18.60 10.23 18.82
C PRO A 353 19.33 9.03 18.18
N THR A 354 18.56 8.08 17.67
CA THR A 354 19.08 6.86 17.07
C THR A 354 18.40 6.59 15.74
N SER A 355 17.07 6.57 15.76
CA SER A 355 16.29 6.24 14.57
C SER A 355 14.82 6.62 14.77
N TYR A 356 14.11 6.76 13.65
CA TYR A 356 12.71 7.04 13.67
C TYR A 356 11.94 5.98 14.47
N GLN A 357 12.27 4.71 14.25
CA GLN A 357 11.64 3.62 15.00
C GLN A 357 11.93 3.71 16.50
N ASP A 358 13.17 4.03 16.87
CA ASP A 358 13.49 4.23 18.28
C ASP A 358 12.78 5.43 18.91
N ASP A 359 12.54 6.46 18.09
CA ASP A 359 11.78 7.65 18.52
C ASP A 359 10.38 7.35 19.07
N TRP A 360 9.76 6.25 18.64
CA TRP A 360 8.44 5.87 19.13
C TRP A 360 8.43 5.58 20.63
N HIS A 361 9.58 5.16 21.15
CA HIS A 361 9.72 4.73 22.55
C HIS A 361 8.64 3.77 23.03
N VAL A 362 8.59 2.60 22.40
CA VAL A 362 7.60 1.56 22.74
C VAL A 362 8.22 0.18 22.84
N GLY A 363 7.58 -0.71 23.58
CA GLY A 363 7.91 -2.13 23.50
C GLY A 363 6.83 -2.84 22.70
N PHE A 364 7.25 -3.72 21.81
CA PHE A 364 6.32 -4.55 21.07
C PHE A 364 6.10 -5.85 21.83
N ALA A 365 4.89 -6.38 21.76
CA ALA A 365 4.59 -7.71 22.27
C ALA A 365 3.68 -8.44 21.30
N TYR A 366 3.92 -9.73 21.13
CA TYR A 366 3.22 -10.56 20.14
C TYR A 366 2.40 -11.65 20.82
N GLU A 367 2.40 -11.61 22.15
CA GLU A 367 1.59 -12.53 22.95
C GLU A 367 1.23 -11.94 24.30
N ARG A 368 0.24 -12.55 24.94
CA ARG A 368 -0.26 -12.08 26.22
C ARG A 368 -0.83 -13.28 26.97
N ASN A 369 -0.28 -13.53 28.16
CA ASN A 369 -0.64 -14.69 29.00
C ASN A 369 -0.39 -16.02 28.29
N GLY A 370 0.77 -16.13 27.64
CA GLY A 370 1.12 -17.33 26.88
C GLY A 370 0.35 -17.54 25.58
N VAL A 371 -0.69 -16.73 25.36
CA VAL A 371 -1.50 -16.81 24.14
C VAL A 371 -1.00 -15.79 23.10
N PRO A 372 -0.60 -16.27 21.90
CA PRO A 372 -0.22 -15.40 20.79
C PRO A 372 -1.38 -14.50 20.37
N ILE A 373 -1.08 -13.33 19.82
CA ILE A 373 -2.12 -12.40 19.37
C ILE A 373 -2.88 -12.96 18.17
N GLY A 374 -2.20 -13.79 17.38
CA GLY A 374 -2.80 -14.46 16.24
C GLY A 374 -1.80 -15.43 15.62
N ALA A 375 -2.27 -16.31 14.74
CA ALA A 375 -1.37 -17.09 13.91
C ALA A 375 -0.57 -16.18 12.97
N GLN A 376 0.58 -16.66 12.52
CA GLN A 376 1.44 -15.90 11.64
C GLN A 376 1.18 -16.33 10.21
N ALA A 377 1.18 -15.39 9.27
CA ALA A 377 1.18 -15.74 7.86
C ALA A 377 2.62 -16.08 7.49
N ASN A 378 2.92 -16.25 6.21
CA ASN A 378 4.30 -16.48 5.84
C ASN A 378 5.25 -15.33 6.29
N SER A 379 4.90 -14.08 5.96
CA SER A 379 5.69 -12.89 6.31
C SER A 379 5.95 -12.76 7.80
N TYR A 380 7.20 -12.42 8.13
CA TYR A 380 7.64 -12.27 9.52
C TYR A 380 6.77 -11.31 10.34
N TRP A 381 6.25 -10.28 9.67
CA TRP A 381 5.46 -9.22 10.31
C TRP A 381 3.94 -9.46 10.39
N LEU A 382 3.41 -10.42 9.64
CA LEU A 382 1.95 -10.55 9.49
C LEU A 382 1.35 -11.51 10.50
N TYR A 383 0.63 -10.96 11.47
CA TYR A 383 -0.15 -11.74 12.44
C TYR A 383 -1.62 -11.63 12.10
N ILE A 384 -2.31 -12.75 12.11
CA ILE A 384 -3.70 -12.81 11.70
C ILE A 384 -4.58 -12.45 12.89
N VAL A 385 -5.05 -11.21 12.90
CA VAL A 385 -5.76 -10.61 14.04
C VAL A 385 -7.00 -9.87 13.52
N PRO A 386 -8.08 -10.62 13.23
CA PRO A 386 -9.27 -10.05 12.58
C PRO A 386 -9.88 -8.84 13.30
N TRP A 387 -9.92 -8.85 14.63
CA TRP A 387 -10.54 -7.74 15.37
C TRP A 387 -9.73 -6.43 15.25
N GLY A 388 -8.48 -6.55 14.83
CA GLY A 388 -7.63 -5.38 14.62
C GLY A 388 -8.20 -4.47 13.55
N ILE A 389 -8.85 -5.03 12.53
CA ILE A 389 -9.40 -4.20 11.45
C ILE A 389 -10.57 -3.36 11.92
N ASN A 390 -11.35 -3.92 12.84
CA ASN A 390 -12.48 -3.21 13.44
C ASN A 390 -11.94 -2.05 14.30
N LYS A 391 -11.01 -2.34 15.20
CA LYS A 391 -10.43 -1.31 16.06
C LYS A 391 -9.72 -0.20 15.29
N ALA A 392 -8.99 -0.57 14.24
CA ALA A 392 -8.34 0.42 13.39
C ALA A 392 -9.34 1.38 12.74
N VAL A 393 -10.40 0.84 12.12
CA VAL A 393 -11.38 1.65 11.40
C VAL A 393 -12.17 2.58 12.34
N THR A 394 -12.58 2.04 13.48
CA THR A 394 -13.25 2.80 14.51
C THR A 394 -12.35 3.95 14.99
N TYR A 395 -11.06 3.67 15.13
CA TYR A 395 -10.12 4.70 15.57
C TYR A 395 -10.05 5.90 14.62
N VAL A 396 -9.93 5.64 13.31
CA VAL A 396 -9.86 6.76 12.35
C VAL A 396 -11.18 7.53 12.24
N LYS A 397 -12.29 6.80 12.34
CA LYS A 397 -13.61 7.42 12.42
C LYS A 397 -13.73 8.38 13.61
N GLU A 398 -13.38 7.89 14.80
CA GLU A 398 -13.53 8.66 16.03
C GLU A 398 -12.53 9.80 16.06
N THR A 399 -11.29 9.50 15.74
CA THR A 399 -10.19 10.48 15.79
C THR A 399 -10.24 11.60 14.73
N TYR A 400 -10.77 11.31 13.55
CA TYR A 400 -10.64 12.24 12.42
C TYR A 400 -11.96 12.77 11.83
N GLY A 401 -13.03 12.72 12.61
CA GLY A 401 -14.33 13.29 12.19
C GLY A 401 -15.02 12.43 11.16
N ASN A 402 -14.84 11.12 11.28
CA ASN A 402 -15.43 10.16 10.35
C ASN A 402 -15.24 10.56 8.88
N PRO A 403 -14.00 10.51 8.39
CA PRO A 403 -13.76 10.87 6.99
C PRO A 403 -14.19 9.72 6.09
N THR A 404 -14.40 9.99 4.82
CA THR A 404 -14.72 8.89 3.93
C THR A 404 -13.46 8.02 3.69
N MET A 405 -13.64 6.71 3.85
CA MET A 405 -12.53 5.78 3.87
C MET A 405 -12.70 4.73 2.80
N ILE A 406 -11.58 4.26 2.26
CA ILE A 406 -11.53 3.01 1.52
C ILE A 406 -10.60 2.09 2.30
N LEU A 407 -11.02 0.87 2.54
CA LEU A 407 -10.10 -0.13 3.08
C LEU A 407 -9.30 -0.66 1.90
N SER A 408 -8.16 -0.03 1.66
CA SER A 408 -7.52 -0.11 0.36
C SER A 408 -6.56 -1.29 0.16
N GLU A 409 -6.25 -2.01 1.23
CA GLU A 409 -5.47 -3.25 1.14
C GLU A 409 -5.71 -4.13 2.33
N ASN A 410 -5.81 -5.42 2.07
CA ASN A 410 -5.98 -6.42 3.11
C ASN A 410 -5.70 -7.76 2.46
N GLY A 411 -4.98 -8.63 3.16
CA GLY A 411 -4.61 -9.91 2.59
C GLY A 411 -3.57 -10.61 3.43
N MET A 412 -3.07 -11.73 2.93
CA MET A 412 -2.03 -12.49 3.60
C MET A 412 -1.26 -13.37 2.61
N ASP A 413 -0.11 -13.89 3.03
CA ASP A 413 0.75 -14.63 2.12
C ASP A 413 0.99 -16.09 2.52
N GLN A 414 1.15 -16.92 1.50
CA GLN A 414 1.66 -18.28 1.67
C GLN A 414 3.15 -18.25 1.33
N PRO A 415 3.91 -19.25 1.80
CA PRO A 415 5.28 -19.38 1.31
C PRO A 415 5.32 -19.49 -0.21
N GLY A 416 6.36 -18.95 -0.83
CA GLY A 416 6.51 -18.95 -2.29
C GLY A 416 6.74 -20.33 -2.87
N ASN A 417 7.51 -21.15 -2.17
CA ASN A 417 7.91 -22.48 -2.66
C ASN A 417 6.89 -23.56 -2.36
N VAL A 418 5.74 -23.46 -3.02
CA VAL A 418 4.72 -24.51 -2.98
C VAL A 418 4.29 -24.79 -4.40
N SER A 419 3.79 -25.99 -4.66
CA SER A 419 3.34 -26.34 -6.00
C SER A 419 1.99 -25.72 -6.34
N ILE A 420 1.60 -25.78 -7.61
CA ILE A 420 0.25 -25.39 -8.02
C ILE A 420 -0.78 -26.11 -7.15
N THR A 421 -0.66 -27.43 -7.08
CA THR A 421 -1.60 -28.29 -6.38
C THR A 421 -1.81 -27.84 -4.93
N GLN A 422 -0.72 -27.55 -4.23
CA GLN A 422 -0.83 -27.12 -2.85
C GLN A 422 -1.31 -25.68 -2.78
N GLY A 423 -0.77 -24.84 -3.66
CA GLY A 423 -0.97 -23.41 -3.65
C GLY A 423 -2.41 -22.93 -3.81
N VAL A 424 -3.21 -23.64 -4.60
CA VAL A 424 -4.57 -23.20 -4.90
C VAL A 424 -5.56 -23.45 -3.76
N HIS A 425 -5.20 -24.37 -2.86
CA HIS A 425 -6.06 -24.69 -1.73
C HIS A 425 -5.68 -23.93 -0.47
N ASP A 426 -6.01 -22.64 -0.48
CA ASP A 426 -5.56 -21.67 0.51
C ASP A 426 -6.65 -21.39 1.55
N THR A 427 -7.05 -22.45 2.24
CA THR A 427 -8.09 -22.33 3.24
C THR A 427 -7.75 -21.27 4.30
N VAL A 428 -6.48 -21.15 4.65
CA VAL A 428 -6.06 -20.13 5.62
C VAL A 428 -6.42 -18.70 5.17
N ARG A 429 -6.36 -18.45 3.86
CA ARG A 429 -6.67 -17.13 3.31
C ARG A 429 -8.17 -16.88 3.29
N ILE A 430 -8.94 -17.94 3.01
CA ILE A 430 -10.39 -17.86 3.08
C ILE A 430 -10.84 -17.45 4.50
N ARG A 431 -10.31 -18.13 5.51
CA ARG A 431 -10.63 -17.81 6.89
C ARG A 431 -10.18 -16.39 7.21
N TYR A 432 -9.04 -15.99 6.66
CA TYR A 432 -8.52 -14.64 6.81
C TYR A 432 -9.55 -13.62 6.34
N TYR A 433 -9.96 -13.75 5.07
CA TYR A 433 -10.87 -12.79 4.48
C TYR A 433 -12.27 -12.84 5.07
N ARG A 434 -12.80 -14.03 5.30
CA ARG A 434 -14.10 -14.12 5.95
C ARG A 434 -14.10 -13.35 7.28
N ASN A 435 -13.12 -13.62 8.13
CA ASN A 435 -13.07 -13.00 9.45
C ASN A 435 -12.79 -11.49 9.45
N TYR A 436 -11.87 -11.05 8.59
CA TYR A 436 -11.50 -9.62 8.52
C TYR A 436 -12.64 -8.79 7.94
N ILE A 437 -13.27 -9.32 6.89
CA ILE A 437 -14.39 -8.65 6.24
C ILE A 437 -15.59 -8.59 7.18
N THR A 438 -15.80 -9.64 7.96
CA THR A 438 -16.82 -9.64 9.01
C THR A 438 -16.58 -8.53 10.04
N GLU A 439 -15.33 -8.39 10.49
CA GLU A 439 -14.98 -7.36 11.47
C GLU A 439 -15.10 -5.94 10.91
N LEU A 440 -14.76 -5.78 9.63
CA LEU A 440 -14.92 -4.50 8.94
C LEU A 440 -16.41 -4.12 8.81
N LYS A 441 -17.24 -5.12 8.52
CA LYS A 441 -18.67 -4.92 8.43
C LYS A 441 -19.21 -4.38 9.76
N LYS A 442 -18.80 -4.97 10.87
CA LYS A 442 -19.23 -4.50 12.17
C LYS A 442 -18.90 -3.02 12.40
N ALA A 443 -17.73 -2.60 11.91
CA ALA A 443 -17.31 -1.21 12.07
C ALA A 443 -18.16 -0.26 11.23
N ILE A 444 -18.57 -0.72 10.05
CA ILE A 444 -19.46 0.02 9.16
C ILE A 444 -20.88 0.16 9.75
N ASP A 445 -21.41 -0.94 10.28
CA ASP A 445 -22.70 -0.97 10.97
C ASP A 445 -22.73 0.05 12.11
N ASP A 446 -21.59 0.29 12.72
CA ASP A 446 -21.49 1.21 13.83
C ASP A 446 -21.11 2.63 13.43
N GLY A 447 -21.26 2.94 12.14
CA GLY A 447 -21.16 4.31 11.67
C GLY A 447 -19.92 4.70 10.87
N ALA A 448 -19.00 3.76 10.65
CA ALA A 448 -17.79 4.08 9.91
C ALA A 448 -18.10 4.33 8.42
N LYS A 449 -17.57 5.44 7.89
CA LYS A 449 -17.83 5.82 6.51
C LYS A 449 -16.85 5.20 5.51
N VAL A 450 -16.97 3.89 5.36
CA VAL A 450 -16.15 3.12 4.43
C VAL A 450 -16.97 2.87 3.16
N ILE A 451 -16.35 3.07 2.00
CA ILE A 451 -17.07 3.00 0.73
C ILE A 451 -16.50 1.98 -0.24
N GLY A 452 -15.44 1.29 0.19
CA GLY A 452 -14.79 0.29 -0.65
C GLY A 452 -13.86 -0.63 0.12
N TYR A 453 -13.49 -1.74 -0.50
CA TYR A 453 -12.58 -2.70 0.08
C TYR A 453 -11.74 -3.33 -1.02
N PHE A 454 -10.43 -3.41 -0.80
CA PHE A 454 -9.54 -3.99 -1.81
C PHE A 454 -8.66 -5.06 -1.21
N ALA A 455 -8.71 -6.25 -1.81
CA ALA A 455 -7.79 -7.31 -1.44
C ALA A 455 -6.45 -7.09 -2.11
N TRP A 456 -5.39 -7.25 -1.34
CA TRP A 456 -4.04 -7.43 -1.88
C TRP A 456 -3.77 -8.94 -1.84
N SER A 457 -3.58 -9.58 -2.99
CA SER A 457 -3.57 -8.93 -4.32
C SER A 457 -4.20 -9.93 -5.29
N LEU A 458 -4.43 -9.53 -6.54
CA LEU A 458 -5.01 -10.50 -7.47
C LEU A 458 -4.06 -11.66 -7.73
N LEU A 459 -2.84 -11.34 -8.18
CA LEU A 459 -1.86 -12.35 -8.54
C LEU A 459 -0.72 -12.43 -7.53
N ASP A 460 -0.20 -13.63 -7.33
CA ASP A 460 1.11 -13.79 -6.70
C ASP A 460 2.05 -12.90 -7.49
N ASN A 461 2.90 -12.14 -6.80
CA ASN A 461 3.78 -11.20 -7.51
C ASN A 461 5.11 -10.96 -6.81
N PHE A 462 5.92 -10.07 -7.37
CA PHE A 462 7.21 -9.74 -6.80
C PHE A 462 7.03 -9.00 -5.46
N GLU A 463 7.34 -9.67 -4.36
CA GLU A 463 7.11 -9.11 -3.04
C GLU A 463 8.33 -8.38 -2.45
N TRP A 464 8.81 -7.36 -3.16
CA TRP A 464 9.97 -6.53 -2.75
C TRP A 464 11.13 -7.36 -2.18
N ARG A 465 11.56 -7.10 -0.96
CA ARG A 465 12.74 -7.78 -0.42
C ARG A 465 12.58 -9.29 -0.25
N LEU A 466 11.34 -9.77 -0.29
CA LEU A 466 11.07 -11.20 -0.17
C LEU A 466 11.07 -11.90 -1.53
N GLY A 467 11.13 -11.11 -2.60
CA GLY A 467 11.15 -11.65 -3.94
C GLY A 467 9.96 -12.56 -4.20
N TYR A 468 10.24 -13.79 -4.60
CA TYR A 468 9.18 -14.76 -4.88
C TYR A 468 9.06 -15.84 -3.81
N THR A 469 9.51 -15.52 -2.60
CA THR A 469 9.37 -16.45 -1.48
C THR A 469 8.07 -16.20 -0.74
N SER A 470 7.27 -15.26 -1.25
CA SER A 470 6.00 -14.88 -0.62
C SER A 470 4.89 -14.76 -1.66
N ARG A 471 3.80 -15.50 -1.47
CA ARG A 471 2.64 -15.44 -2.37
C ARG A 471 1.40 -14.84 -1.70
N PHE A 472 1.00 -13.66 -2.18
CA PHE A 472 -0.12 -12.90 -1.61
C PHE A 472 -1.39 -12.99 -2.44
N GLY A 473 -1.27 -13.47 -3.68
CA GLY A 473 -2.40 -13.50 -4.61
C GLY A 473 -3.58 -14.37 -4.21
N ILE A 474 -4.71 -14.12 -4.85
CA ILE A 474 -5.85 -15.04 -4.81
C ILE A 474 -5.88 -15.83 -6.11
N VAL A 475 -4.88 -15.55 -6.95
CA VAL A 475 -4.61 -16.30 -8.18
C VAL A 475 -3.16 -16.74 -8.17
N TYR A 476 -2.94 -18.05 -8.23
CA TYR A 476 -1.62 -18.63 -8.23
C TYR A 476 -0.96 -18.38 -9.59
N VAL A 477 0.30 -17.96 -9.57
CA VAL A 477 1.05 -17.85 -10.82
C VAL A 477 2.24 -18.81 -10.80
N ASP A 478 2.26 -19.70 -11.80
CA ASP A 478 3.43 -20.52 -12.11
C ASP A 478 4.47 -19.62 -12.77
N TYR A 479 5.57 -19.36 -12.08
CA TYR A 479 6.61 -18.46 -12.59
C TYR A 479 7.40 -19.03 -13.78
N LYS A 480 7.34 -20.34 -13.97
CA LYS A 480 7.98 -20.97 -15.11
C LYS A 480 7.22 -20.68 -16.41
N THR A 481 5.88 -20.75 -16.36
CA THR A 481 5.08 -20.63 -17.58
C THR A 481 4.27 -19.34 -17.63
N LEU A 482 4.13 -18.68 -16.47
CA LEU A 482 3.27 -17.51 -16.28
C LEU A 482 1.76 -17.79 -16.42
N LYS A 483 1.37 -19.07 -16.29
CA LYS A 483 -0.04 -19.43 -16.27
C LYS A 483 -0.67 -19.07 -14.93
N ARG A 484 -1.96 -18.68 -15.00
CA ARG A 484 -2.74 -18.30 -13.83
C ARG A 484 -3.67 -19.43 -13.38
N TYR A 485 -3.71 -19.69 -12.08
CA TYR A 485 -4.61 -20.69 -11.53
C TYR A 485 -5.33 -20.07 -10.35
N PRO A 486 -6.65 -19.76 -10.49
CA PRO A 486 -7.39 -19.16 -9.38
C PRO A 486 -7.34 -20.05 -8.12
N LYS A 487 -7.10 -19.44 -6.97
CA LYS A 487 -7.04 -20.18 -5.72
C LYS A 487 -8.45 -20.35 -5.20
N ASP A 488 -8.62 -21.19 -4.19
CA ASP A 488 -9.94 -21.36 -3.61
C ASP A 488 -10.50 -20.02 -3.13
N SER A 489 -9.61 -19.12 -2.68
CA SER A 489 -10.02 -17.81 -2.18
C SER A 489 -10.61 -16.91 -3.26
N ALA A 490 -10.16 -17.06 -4.51
CA ALA A 490 -10.79 -16.34 -5.63
C ALA A 490 -12.25 -16.77 -5.79
N PHE A 491 -12.49 -18.08 -5.76
CA PHE A 491 -13.84 -18.61 -5.83
C PHE A 491 -14.68 -18.28 -4.61
N TRP A 492 -14.03 -18.14 -3.45
CA TRP A 492 -14.75 -17.73 -2.26
C TRP A 492 -15.34 -16.33 -2.46
N PHE A 493 -14.57 -15.44 -3.09
CA PHE A 493 -15.03 -14.11 -3.43
C PHE A 493 -16.13 -14.16 -4.46
N LYS A 494 -15.93 -14.96 -5.50
CA LYS A 494 -16.90 -15.08 -6.57
C LYS A 494 -18.25 -15.40 -5.99
N ASN A 495 -18.27 -16.37 -5.08
CA ASN A 495 -19.48 -16.78 -4.43
C ASN A 495 -20.05 -15.68 -3.51
N MET A 496 -19.17 -15.07 -2.71
CA MET A 496 -19.64 -14.05 -1.78
C MET A 496 -20.20 -12.81 -2.51
N LEU A 497 -19.64 -12.49 -3.69
CA LEU A 497 -20.01 -11.25 -4.38
C LEU A 497 -21.23 -11.29 -5.31
N SER A 498 -21.87 -12.44 -5.46
CA SER A 498 -23.02 -12.56 -6.37
C SER A 498 -24.32 -12.75 -5.63
#